data_4BM3
#
_entry.id   4BM3
#
_cell.length_a   124.250
_cell.length_b   86.530
_cell.length_c   40.300
_cell.angle_alpha   90.00
_cell.angle_beta   107.82
_cell.angle_gamma   90.00
#
_symmetry.space_group_name_H-M   'C 1 2 1'
#
loop_
_entity.id
_entity.type
_entity.pdbx_description
1 polymer 'MANGANESE PEROXIDASE 4'
2 non-polymer 'CALCIUM ION'
3 non-polymer 'PROTOPORPHYRIN IX CONTAINING FE'
4 non-polymer 'SULFATE ION'
5 water water
#
_entity_poly.entity_id   1
_entity_poly.type   'polypeptide(L)'
_entity_poly.pdbx_seq_one_letter_code
;MAKCSKGRTASNDACCVWFDVLDDIQENLFDGGECGEEVHESLRLTFHDAIGFSPALTRQGKFGGGGADGSIMLFSDIET
NFAANNGVDDIVEQQKPIAIKHQVSFGDFIQFAGAVGSSNCAGGPRIQFLAGRSNVTKPSPDHLVPEPFDSVTSILARMG
DAGFKPDEVVALLASHSVAAQDTIDPKLAGHPFDSTPSDFDSQFFVETLLKGTLIPGDSLHKGQVKSPLPGEFRLQSDEL
LARDSRTSCEWQSFISNPNSMVPKFERAMAKMATLGQNPKKLIDCSEVIPVPRGRVKQPTLPAGKTIKDIEASCRKAPFP
RLPTDKGTFTSILPVPSS
;
_entity_poly.pdbx_strand_id   A
#
loop_
_chem_comp.id
_chem_comp.type
_chem_comp.name
_chem_comp.formula
CA non-polymer 'CALCIUM ION' 'Ca 2'
HEM non-polymer 'PROTOPORPHYRIN IX CONTAINING FE' 'C34 H32 Fe N4 O4'
SO4 non-polymer 'SULFATE ION' 'O4 S -2'
#
# COMPACT_ATOMS: atom_id res chain seq x y z
N ALA A 2 7.29 30.27 7.02
CA ALA A 2 6.76 31.09 5.93
C ALA A 2 5.24 31.00 5.85
N LYS A 3 4.62 32.02 5.28
CA LYS A 3 3.17 32.14 5.28
C LYS A 3 2.58 31.48 4.06
N CYS A 4 1.68 30.53 4.30
CA CYS A 4 1.02 29.81 3.22
C CYS A 4 -0.45 30.20 3.21
N SER A 5 -1.22 29.56 2.34
CA SER A 5 -2.61 29.93 2.16
C SER A 5 -3.49 29.48 3.33
N LYS A 6 -4.68 30.08 3.44
CA LYS A 6 -5.62 29.78 4.53
C LYS A 6 -5.05 29.96 5.95
N GLY A 7 -4.15 30.93 6.09
CA GLY A 7 -3.57 31.25 7.38
C GLY A 7 -2.57 30.22 7.89
N ARG A 8 -2.20 29.28 7.02
CA ARG A 8 -1.30 28.17 7.41
C ARG A 8 0.17 28.60 7.24
N THR A 9 1.08 27.97 7.98
CA THR A 9 2.49 28.37 7.94
C THR A 9 3.37 27.15 7.73
N ALA A 10 4.61 27.35 7.30
CA ALA A 10 5.57 26.26 7.16
C ALA A 10 7.00 26.79 7.36
N SER A 11 7.90 25.97 7.86
CA SER A 11 9.27 26.44 8.10
C SER A 11 9.94 26.80 6.77
N ASN A 12 9.62 26.01 5.75
CA ASN A 12 10.28 26.17 4.47
C ASN A 12 9.23 26.66 3.46
N ASP A 13 9.42 27.85 2.90
CA ASP A 13 8.47 28.42 1.93
C ASP A 13 8.09 27.49 0.75
N ALA A 14 8.97 26.58 0.35
CA ALA A 14 8.64 25.71 -0.76
C ALA A 14 7.67 24.59 -0.36
N CYS A 15 7.36 24.48 0.93
CA CYS A 15 6.34 23.50 1.33
C CYS A 15 4.93 24.06 1.11
N CYS A 16 4.85 25.37 0.90
CA CYS A 16 3.57 26.07 0.87
C CYS A 16 2.66 25.56 -0.25
N VAL A 17 3.25 25.31 -1.43
CA VAL A 17 2.50 24.77 -2.57
C VAL A 17 1.76 23.49 -2.21
N TRP A 18 2.35 22.69 -1.33
CA TRP A 18 1.70 21.45 -0.90
C TRP A 18 0.41 21.60 -0.09
N PHE A 19 0.24 22.72 0.63
CA PHE A 19 -1.07 22.99 1.21
C PHE A 19 -2.14 23.18 0.14
N ASP A 20 -1.78 23.80 -0.99
CA ASP A 20 -2.76 23.93 -2.06
C ASP A 20 -3.03 22.62 -2.77
N VAL A 21 -1.99 21.80 -2.92
CA VAL A 21 -2.20 20.49 -3.54
C VAL A 21 -3.06 19.69 -2.56
N LEU A 22 -2.76 19.83 -1.27
CA LEU A 22 -3.49 19.10 -0.23
C LEU A 22 -4.98 19.42 -0.35
N ASP A 23 -5.30 20.70 -0.44
CA ASP A 23 -6.70 21.15 -0.50
C ASP A 23 -7.43 20.61 -1.73
N ASP A 24 -6.74 20.64 -2.89
CA ASP A 24 -7.25 20.12 -4.15
C ASP A 24 -7.54 18.64 -3.97
N ILE A 25 -6.51 17.85 -3.66
CA ILE A 25 -6.73 16.40 -3.71
C ILE A 25 -7.70 15.91 -2.63
N GLN A 26 -7.80 16.59 -1.50
CA GLN A 26 -8.75 16.15 -0.47
C GLN A 26 -10.18 16.40 -0.97
N GLU A 27 -10.38 17.55 -1.58
CA GLU A 27 -11.70 17.97 -2.02
C GLU A 27 -12.15 17.22 -3.29
N ASN A 28 -11.23 17.01 -4.22
CA ASN A 28 -11.62 16.45 -5.52
C ASN A 28 -11.26 14.99 -5.75
N LEU A 29 -9.95 14.69 -5.80
CA LEU A 29 -9.49 13.32 -5.97
C LEU A 29 -10.02 12.35 -4.91
N PHE A 30 -10.00 12.76 -3.65
CA PHE A 30 -10.40 11.87 -2.57
C PHE A 30 -11.84 12.11 -2.10
N ASP A 31 -12.60 12.90 -2.85
CA ASP A 31 -14.03 13.09 -2.59
C ASP A 31 -14.39 13.55 -1.17
N GLY A 32 -13.62 14.51 -0.64
CA GLY A 32 -13.87 15.02 0.70
C GLY A 32 -13.12 14.29 1.80
N GLY A 33 -11.87 13.93 1.55
CA GLY A 33 -11.02 13.37 2.59
C GLY A 33 -11.34 11.91 2.87
N GLU A 34 -11.86 11.18 1.88
CA GLU A 34 -12.26 9.78 2.11
C GLU A 34 -11.06 8.85 1.98
N CYS A 35 -11.13 7.70 2.65
CA CYS A 35 -10.21 6.58 2.40
C CYS A 35 -10.88 5.52 1.50
N GLY A 36 -11.14 5.92 0.24
CA GLY A 36 -11.80 5.05 -0.72
C GLY A 36 -10.92 4.67 -1.92
N GLU A 37 -11.55 4.42 -3.07
CA GLU A 37 -10.84 3.83 -4.24
C GLU A 37 -9.59 4.60 -4.64
N GLU A 38 -9.72 5.93 -4.76
CA GLU A 38 -8.61 6.76 -5.21
C GLU A 38 -7.44 6.72 -4.22
N VAL A 39 -7.75 6.77 -2.92
CA VAL A 39 -6.68 6.63 -1.94
C VAL A 39 -6.02 5.26 -2.07
N HIS A 40 -6.84 4.24 -2.25
CA HIS A 40 -6.23 2.89 -2.32
C HIS A 40 -5.35 2.79 -3.57
N GLU A 41 -5.84 3.33 -4.69
CA GLU A 41 -5.06 3.33 -5.93
C GLU A 41 -3.75 4.13 -5.77
N SER A 42 -3.84 5.25 -5.03
CA SER A 42 -2.70 6.13 -4.86
C SER A 42 -1.60 5.50 -4.00
N LEU A 43 -2.01 4.80 -2.97
CA LEU A 43 -1.06 4.08 -2.10
C LEU A 43 -0.39 2.95 -2.84
N ARG A 44 -1.16 2.21 -3.62
CA ARG A 44 -0.53 1.26 -4.55
C ARG A 44 0.49 1.91 -5.51
N LEU A 45 0.18 3.08 -6.09
CA LEU A 45 1.05 3.68 -7.12
C LEU A 45 2.41 4.05 -6.48
N THR A 46 2.42 4.31 -5.19
CA THR A 46 3.69 4.63 -4.53
C THR A 46 4.70 3.52 -4.64
N PHE A 47 4.22 2.28 -4.53
CA PHE A 47 5.09 1.10 -4.61
C PHE A 47 5.49 0.83 -6.07
N HIS A 48 4.52 0.95 -6.98
CA HIS A 48 4.82 0.68 -8.39
C HIS A 48 5.80 1.72 -9.00
N ASP A 49 5.79 2.96 -8.51
CA ASP A 49 6.84 3.87 -8.91
C ASP A 49 8.15 3.55 -8.18
N ALA A 50 8.11 3.40 -6.87
CA ALA A 50 9.34 3.34 -6.03
C ALA A 50 10.17 2.08 -6.25
N ILE A 51 9.49 0.94 -6.48
CA ILE A 51 10.22 -0.34 -6.50
C ILE A 51 11.06 -0.66 -7.77
N GLY A 52 10.95 0.20 -8.78
CA GLY A 52 11.75 0.10 -10.00
C GLY A 52 13.13 0.69 -9.68
N PHE A 53 13.84 -0.06 -8.83
CA PHE A 53 15.16 0.30 -8.30
C PHE A 53 15.89 -0.99 -8.01
N SER A 54 16.99 -1.23 -8.73
CA SER A 54 17.71 -2.51 -8.56
C SER A 54 19.25 -2.35 -8.61
N PRO A 55 19.87 -2.23 -7.44
CA PRO A 55 21.34 -2.17 -7.35
C PRO A 55 21.98 -3.42 -7.95
N ALA A 56 21.25 -4.54 -7.98
CA ALA A 56 21.76 -5.74 -8.66
C ALA A 56 21.99 -5.48 -10.15
N LEU A 57 21.09 -4.77 -10.82
CA LEU A 57 21.30 -4.43 -12.23
C LEU A 57 22.45 -3.42 -12.37
N THR A 58 22.46 -2.47 -11.46
CA THR A 58 23.48 -1.43 -11.54
C THR A 58 24.88 -2.05 -11.42
N ARG A 59 25.04 -2.97 -10.49
CA ARG A 59 26.34 -3.62 -10.28
C ARG A 59 26.84 -4.45 -11.47
N GLN A 60 25.91 -4.91 -12.29
CA GLN A 60 26.24 -5.66 -13.51
C GLN A 60 26.42 -4.74 -14.74
N GLY A 61 26.57 -3.44 -14.50
CA GLY A 61 26.69 -2.45 -15.56
C GLY A 61 25.45 -2.17 -16.40
N LYS A 62 24.26 -2.34 -15.82
CA LYS A 62 23.00 -2.06 -16.50
C LYS A 62 22.24 -1.04 -15.68
N PHE A 63 21.38 -0.26 -16.34
CA PHE A 63 20.52 0.68 -15.65
C PHE A 63 19.54 -0.08 -14.73
N GLY A 64 19.43 0.39 -13.49
CA GLY A 64 18.71 -0.36 -12.47
C GLY A 64 17.38 0.28 -12.12
N GLY A 65 17.06 1.40 -12.77
CA GLY A 65 15.87 2.17 -12.43
C GLY A 65 16.19 3.29 -11.43
N GLY A 66 15.42 4.35 -11.46
CA GLY A 66 15.65 5.47 -10.59
C GLY A 66 14.83 5.44 -9.28
N GLY A 67 14.05 4.38 -9.01
CA GLY A 67 13.31 4.33 -7.78
C GLY A 67 12.10 5.25 -7.66
N ALA A 68 11.94 6.01 -6.57
CA ALA A 68 10.80 6.92 -6.44
C ALA A 68 11.09 8.23 -7.18
N ASP A 69 10.87 8.19 -8.49
CA ASP A 69 11.35 9.25 -9.41
C ASP A 69 10.28 9.75 -10.38
N GLY A 70 9.03 9.35 -10.16
CA GLY A 70 7.95 9.68 -11.09
C GLY A 70 7.98 8.99 -12.47
N SER A 71 8.89 8.04 -12.68
CA SER A 71 9.07 7.38 -13.98
C SER A 71 7.80 6.72 -14.50
N ILE A 72 7.04 6.08 -13.61
CA ILE A 72 5.76 5.46 -14.02
C ILE A 72 4.76 6.46 -14.61
N MET A 73 4.93 7.74 -14.29
CA MET A 73 4.04 8.77 -14.77
C MET A 73 4.60 9.43 -16.04
N LEU A 74 5.89 9.79 -15.99
CA LEU A 74 6.64 10.46 -17.05
C LEU A 74 6.74 9.57 -18.29
N PHE A 75 6.85 8.26 -18.05
CA PHE A 75 6.97 7.27 -19.11
C PHE A 75 5.82 6.28 -18.97
N SER A 76 4.61 6.81 -18.84
CA SER A 76 3.46 5.95 -18.56
C SER A 76 3.13 4.98 -19.69
N ASP A 77 3.36 5.40 -20.93
CA ASP A 77 3.07 4.56 -22.10
C ASP A 77 3.91 3.29 -22.03
N ILE A 78 5.17 3.44 -21.63
CA ILE A 78 6.06 2.30 -21.39
C ILE A 78 5.75 1.52 -20.08
N GLU A 79 5.73 2.18 -18.93
CA GLU A 79 5.60 1.40 -17.68
C GLU A 79 4.24 0.74 -17.43
N THR A 80 3.16 1.45 -17.79
CA THR A 80 1.84 0.95 -17.44
C THR A 80 1.52 -0.24 -18.30
N ASN A 81 2.34 -0.50 -19.31
CA ASN A 81 2.14 -1.69 -20.14
C ASN A 81 3.03 -2.87 -19.77
N PHE A 82 3.76 -2.72 -18.67
CA PHE A 82 4.40 -3.89 -18.05
C PHE A 82 3.30 -4.76 -17.46
N ALA A 83 3.44 -6.09 -17.57
CA ALA A 83 2.44 -7.03 -16.99
C ALA A 83 2.12 -6.77 -15.51
N ALA A 84 3.16 -6.56 -14.73
CA ALA A 84 2.99 -6.33 -13.32
C ALA A 84 2.30 -5.01 -13.04
N ASN A 85 2.22 -4.11 -14.03
CA ASN A 85 1.60 -2.80 -13.77
C ASN A 85 0.16 -2.75 -14.21
N ASN A 86 -0.45 -3.91 -14.46
CA ASN A 86 -1.86 -3.86 -14.87
C ASN A 86 -2.77 -3.21 -13.80
N GLY A 87 -3.75 -2.38 -14.20
CA GLY A 87 -4.61 -1.73 -13.22
C GLY A 87 -4.19 -0.31 -12.82
N VAL A 88 -2.95 0.08 -13.13
CA VAL A 88 -2.50 1.43 -12.71
C VAL A 88 -2.78 2.59 -13.68
N ASP A 89 -3.11 2.31 -14.94
CA ASP A 89 -3.29 3.35 -15.96
C ASP A 89 -4.31 4.40 -15.48
N ASP A 90 -5.32 3.90 -14.76
CA ASP A 90 -6.44 4.70 -14.26
C ASP A 90 -5.98 5.83 -13.36
N ILE A 91 -5.27 5.49 -12.29
CA ILE A 91 -4.91 6.49 -11.32
C ILE A 91 -3.77 7.31 -11.89
N VAL A 92 -2.94 6.71 -12.74
CA VAL A 92 -1.89 7.51 -13.37
C VAL A 92 -2.50 8.63 -14.20
N GLU A 93 -3.52 8.27 -14.99
CA GLU A 93 -4.15 9.26 -15.87
C GLU A 93 -4.98 10.29 -15.07
N GLN A 94 -5.49 9.88 -13.89
CA GLN A 94 -6.10 10.87 -12.98
C GLN A 94 -5.12 11.81 -12.31
N GLN A 95 -3.98 11.28 -11.88
CA GLN A 95 -3.05 12.11 -11.13
C GLN A 95 -2.24 13.09 -11.98
N LYS A 96 -1.80 12.62 -13.15
CA LYS A 96 -0.97 13.43 -14.06
C LYS A 96 -1.38 14.89 -14.17
N PRO A 97 -2.65 15.19 -14.55
CA PRO A 97 -2.97 16.62 -14.79
C PRO A 97 -2.98 17.43 -13.51
N ILE A 98 -3.26 16.76 -12.39
CA ILE A 98 -3.15 17.47 -11.11
C ILE A 98 -1.72 17.90 -10.84
N ALA A 99 -0.76 17.00 -10.96
CA ALA A 99 0.64 17.42 -10.72
C ALA A 99 1.13 18.47 -11.74
N ILE A 100 0.70 18.36 -12.99
CA ILE A 100 1.06 19.39 -13.97
C ILE A 100 0.47 20.73 -13.60
N LYS A 101 -0.79 20.69 -13.17
CA LYS A 101 -1.49 21.92 -12.84
C LYS A 101 -0.78 22.67 -11.69
N HIS A 102 -0.38 21.97 -10.63
CA HIS A 102 0.34 22.59 -9.51
C HIS A 102 1.85 22.71 -9.75
N GLN A 103 2.33 22.16 -10.84
CA GLN A 103 3.73 22.25 -11.23
C GLN A 103 4.69 21.64 -10.23
N VAL A 104 4.30 20.50 -9.71
CA VAL A 104 5.15 19.72 -8.76
C VAL A 104 5.65 18.49 -9.48
N SER A 105 6.75 17.89 -9.00
CA SER A 105 7.31 16.80 -9.77
C SER A 105 6.44 15.58 -9.61
N PHE A 106 6.50 14.71 -10.62
CA PHE A 106 5.66 13.50 -10.61
C PHE A 106 6.00 12.59 -9.43
N GLY A 107 7.29 12.42 -9.14
CA GLY A 107 7.72 11.62 -8.02
C GLY A 107 7.24 12.19 -6.69
N ASP A 108 7.33 13.51 -6.53
CA ASP A 108 6.83 14.13 -5.32
C ASP A 108 5.34 13.90 -5.22
N PHE A 109 4.61 14.02 -6.34
CA PHE A 109 3.16 14.03 -6.26
C PHE A 109 2.73 12.64 -5.84
N ILE A 110 3.32 11.64 -6.50
CA ILE A 110 2.95 10.24 -6.26
C ILE A 110 3.07 9.92 -4.76
N GLN A 111 4.22 10.25 -4.12
CA GLN A 111 4.36 9.97 -2.67
C GLN A 111 3.40 10.81 -1.79
N PHE A 112 3.14 12.06 -2.20
CA PHE A 112 2.28 13.00 -1.46
C PHE A 112 0.82 12.51 -1.45
N ALA A 113 0.33 12.02 -2.59
CA ALA A 113 -1.04 11.53 -2.64
C ALA A 113 -1.18 10.25 -1.79
N GLY A 114 -0.13 9.41 -1.78
CA GLY A 114 -0.11 8.19 -0.96
C GLY A 114 -0.14 8.54 0.54
N ALA A 115 0.64 9.56 0.92
CA ALA A 115 0.72 9.97 2.31
C ALA A 115 -0.54 10.71 2.77
N VAL A 116 -1.02 11.67 1.97
CA VAL A 116 -2.30 12.32 2.28
C VAL A 116 -3.43 11.30 2.38
N GLY A 117 -3.54 10.46 1.36
CA GLY A 117 -4.64 9.48 1.29
C GLY A 117 -4.69 8.52 2.46
N SER A 118 -3.54 7.96 2.83
CA SER A 118 -3.52 6.96 3.91
C SER A 118 -3.90 7.62 5.24
N SER A 119 -3.58 8.92 5.40
CA SER A 119 -3.95 9.62 6.60
C SER A 119 -5.47 9.73 6.82
N ASN A 120 -6.25 9.60 5.74
CA ASN A 120 -7.71 9.63 5.82
C ASN A 120 -8.32 8.33 6.38
N CYS A 121 -7.54 7.26 6.39
CA CYS A 121 -8.06 5.94 6.75
C CYS A 121 -8.16 5.87 8.27
N ALA A 122 -9.23 5.30 8.79
CA ALA A 122 -9.33 5.19 10.24
C ALA A 122 -8.11 4.53 10.88
N GLY A 123 -7.52 5.19 11.87
CA GLY A 123 -6.36 4.61 12.51
C GLY A 123 -5.14 4.63 11.61
N GLY A 124 -5.13 5.54 10.61
CA GLY A 124 -4.13 5.43 9.57
C GLY A 124 -2.79 5.98 9.98
N PRO A 125 -1.82 5.91 9.09
CA PRO A 125 -0.44 6.35 9.39
C PRO A 125 -0.30 7.83 9.02
N ARG A 126 0.75 8.49 9.53
CA ARG A 126 1.09 9.83 9.05
C ARG A 126 2.48 9.71 8.43
N ILE A 127 2.53 9.44 7.13
CA ILE A 127 3.82 9.15 6.50
C ILE A 127 4.64 10.40 6.30
N GLN A 128 5.94 10.28 6.55
CA GLN A 128 6.88 11.34 6.30
C GLN A 128 6.73 11.80 4.85
N PHE A 129 6.75 13.09 4.63
CA PHE A 129 6.75 13.61 3.25
C PHE A 129 7.86 14.58 2.96
N LEU A 130 8.78 14.16 2.07
CA LEU A 130 9.90 14.99 1.65
C LEU A 130 9.64 15.39 0.19
N ALA A 131 10.09 16.59 -0.18
CA ALA A 131 9.91 17.17 -1.54
C ALA A 131 11.21 17.52 -2.22
N GLY A 132 11.18 17.56 -3.55
CA GLY A 132 12.36 17.93 -4.33
C GLY A 132 12.84 16.89 -5.34
N ARG A 133 12.06 15.85 -5.60
CA ARG A 133 12.54 14.89 -6.58
C ARG A 133 12.50 15.42 -7.99
N SER A 134 13.58 15.22 -8.74
CA SER A 134 13.65 15.56 -10.16
C SER A 134 12.67 14.85 -11.08
N ASN A 135 12.16 15.59 -12.08
CA ASN A 135 11.39 15.01 -13.19
C ASN A 135 12.27 14.44 -14.32
N VAL A 136 13.60 14.54 -14.18
CA VAL A 136 14.47 13.98 -15.21
C VAL A 136 15.01 12.59 -14.81
N THR A 137 14.54 11.56 -15.53
CA THR A 137 14.86 10.18 -15.23
C THR A 137 14.65 9.39 -16.51
N LYS A 138 14.80 8.07 -16.40
CA LYS A 138 14.58 7.16 -17.53
C LYS A 138 13.53 6.14 -17.10
N PRO A 139 12.95 5.42 -18.05
CA PRO A 139 11.92 4.42 -17.70
C PRO A 139 12.51 3.29 -16.86
N SER A 140 11.74 2.79 -15.89
CA SER A 140 12.16 1.61 -15.12
C SER A 140 12.38 0.45 -16.07
N PRO A 141 13.41 -0.36 -15.82
CA PRO A 141 13.41 -1.71 -16.42
C PRO A 141 12.12 -2.46 -16.12
N ASP A 142 11.75 -3.42 -16.94
CA ASP A 142 10.59 -4.27 -16.67
C ASP A 142 11.02 -5.29 -15.62
N HIS A 143 10.07 -6.04 -15.07
CA HIS A 143 10.38 -7.21 -14.22
C HIS A 143 10.92 -6.92 -12.82
N LEU A 144 10.74 -5.68 -12.36
CA LEU A 144 11.14 -5.25 -11.04
C LEU A 144 9.98 -5.20 -10.05
N VAL A 145 8.72 -5.33 -10.51
CA VAL A 145 7.60 -5.24 -9.56
C VAL A 145 7.12 -6.67 -9.18
N PRO A 146 7.12 -7.04 -7.87
CA PRO A 146 6.65 -8.36 -7.46
C PRO A 146 5.23 -8.62 -7.96
N GLU A 147 4.95 -9.87 -8.33
CA GLU A 147 3.62 -10.23 -8.79
C GLU A 147 3.06 -11.25 -7.78
N PRO A 148 1.71 -11.37 -7.71
CA PRO A 148 1.07 -12.20 -6.66
C PRO A 148 1.26 -13.69 -6.84
N PHE A 149 1.73 -14.14 -8.01
CA PHE A 149 2.10 -15.54 -8.16
C PHE A 149 3.62 -15.78 -8.00
N ASP A 150 4.37 -14.76 -7.60
CA ASP A 150 5.79 -15.06 -7.31
C ASP A 150 6.01 -15.75 -5.97
N SER A 151 7.02 -16.61 -5.94
CA SER A 151 7.31 -17.35 -4.69
C SER A 151 7.75 -16.40 -3.59
N VAL A 152 7.65 -16.87 -2.34
CA VAL A 152 8.17 -16.05 -1.23
C VAL A 152 9.66 -15.80 -1.42
N THR A 153 10.39 -16.81 -1.86
CA THR A 153 11.83 -16.62 -2.07
C THR A 153 12.06 -15.50 -3.13
N SER A 154 11.26 -15.52 -4.19
CA SER A 154 11.41 -14.53 -5.26
C SER A 154 11.09 -13.11 -4.75
N ILE A 155 9.97 -13.00 -4.03
CA ILE A 155 9.54 -11.69 -3.49
C ILE A 155 10.57 -11.14 -2.51
N LEU A 156 11.03 -12.01 -1.61
CA LEU A 156 12.00 -11.55 -0.61
C LEU A 156 13.34 -11.17 -1.26
N ALA A 157 13.74 -11.87 -2.30
CA ALA A 157 14.98 -11.51 -3.05
C ALA A 157 14.82 -10.16 -3.78
N ARG A 158 13.64 -9.91 -4.34
CA ARG A 158 13.42 -8.67 -5.08
C ARG A 158 13.38 -7.49 -4.13
N MET A 159 12.60 -7.65 -3.05
CA MET A 159 12.48 -6.59 -2.03
C MET A 159 13.81 -6.33 -1.35
N GLY A 160 14.60 -7.38 -1.19
CA GLY A 160 15.89 -7.25 -0.53
C GLY A 160 16.91 -6.53 -1.37
N ASP A 161 16.92 -6.83 -2.67
CA ASP A 161 17.72 -6.04 -3.62
C ASP A 161 17.40 -4.53 -3.48
N ALA A 162 16.11 -4.20 -3.43
CA ALA A 162 15.65 -2.80 -3.25
C ALA A 162 15.91 -2.22 -1.85
N GLY A 163 16.22 -3.07 -0.89
CA GLY A 163 16.70 -2.59 0.41
C GLY A 163 15.89 -2.99 1.63
N PHE A 164 14.87 -3.82 1.42
CA PHE A 164 13.98 -4.24 2.51
C PHE A 164 14.24 -5.63 3.06
N LYS A 165 14.36 -5.72 4.38
CA LYS A 165 14.34 -6.99 5.16
C LYS A 165 12.97 -7.64 5.14
N PRO A 166 12.91 -8.99 5.31
CA PRO A 166 11.60 -9.68 5.42
C PRO A 166 10.64 -8.94 6.36
N ASP A 167 11.10 -8.46 7.52
CA ASP A 167 10.14 -7.83 8.46
C ASP A 167 9.53 -6.55 7.85
N GLU A 168 10.33 -5.87 7.02
CA GLU A 168 9.91 -4.62 6.32
C GLU A 168 8.90 -4.90 5.25
N VAL A 169 9.06 -6.05 4.57
CA VAL A 169 8.08 -6.42 3.55
C VAL A 169 6.73 -6.67 4.21
N VAL A 170 6.70 -7.42 5.31
CA VAL A 170 5.43 -7.62 6.03
C VAL A 170 4.81 -6.30 6.52
N ALA A 171 5.65 -5.41 7.02
CA ALA A 171 5.11 -4.12 7.45
C ALA A 171 4.49 -3.35 6.28
N LEU A 172 5.15 -3.39 5.13
CA LEU A 172 4.72 -2.61 3.93
C LEU A 172 3.38 -3.18 3.47
N LEU A 173 3.23 -4.50 3.69
CA LEU A 173 1.96 -5.13 3.35
C LEU A 173 0.80 -4.77 4.32
N ALA A 174 1.03 -3.92 5.34
CA ALA A 174 -0.13 -3.38 6.04
C ALA A 174 -1.04 -2.56 5.14
N SER A 175 -0.52 -2.09 4.01
CA SER A 175 -1.28 -1.43 2.99
C SER A 175 -2.49 -2.25 2.51
N HIS A 176 -2.35 -3.56 2.55
CA HIS A 176 -3.43 -4.44 2.09
C HIS A 176 -4.62 -4.43 3.04
N SER A 177 -4.44 -3.76 4.16
CA SER A 177 -5.56 -3.50 5.06
C SER A 177 -6.48 -2.44 4.48
N VAL A 178 -6.05 -1.68 3.47
CA VAL A 178 -6.96 -0.70 2.86
C VAL A 178 -6.90 -0.84 1.34
N ALA A 179 -7.41 -1.97 0.83
CA ALA A 179 -7.00 -2.38 -0.52
C ALA A 179 -8.02 -3.30 -1.15
N ALA A 180 -8.17 -3.22 -2.48
CA ALA A 180 -8.97 -4.20 -3.21
C ALA A 180 -8.31 -4.52 -4.56
N GLN A 181 -8.83 -5.50 -5.31
CA GLN A 181 -8.30 -5.79 -6.64
C GLN A 181 -9.34 -5.47 -7.69
N ASP A 182 -8.86 -5.14 -8.91
CA ASP A 182 -9.70 -4.99 -10.11
C ASP A 182 -9.27 -5.96 -11.21
N THR A 183 -8.00 -6.37 -11.24
CA THR A 183 -7.48 -7.04 -12.46
C THR A 183 -7.26 -8.56 -12.41
N ILE A 184 -7.21 -9.15 -11.21
CA ILE A 184 -7.03 -10.60 -11.07
C ILE A 184 -8.33 -11.32 -11.42
N ASP A 185 -9.44 -10.89 -10.84
CA ASP A 185 -10.76 -11.36 -11.32
C ASP A 185 -11.65 -10.15 -11.52
N PRO A 186 -11.71 -9.67 -12.76
CA PRO A 186 -12.39 -8.40 -13.06
C PRO A 186 -13.86 -8.47 -12.78
N LYS A 187 -14.40 -9.67 -12.70
CA LYS A 187 -15.83 -9.76 -12.42
C LYS A 187 -16.07 -9.44 -10.94
N LEU A 188 -14.98 -9.46 -10.15
CA LEU A 188 -15.06 -9.15 -8.72
C LEU A 188 -14.28 -7.90 -8.42
N ALA A 189 -14.21 -7.03 -9.42
CA ALA A 189 -13.51 -5.77 -9.24
C ALA A 189 -14.08 -5.03 -8.02
N GLY A 190 -13.18 -4.62 -7.14
CA GLY A 190 -13.54 -3.88 -5.95
C GLY A 190 -13.70 -4.71 -4.69
N HIS A 191 -13.61 -6.03 -4.79
CA HIS A 191 -13.65 -6.90 -3.56
C HIS A 191 -12.33 -6.73 -2.82
N PRO A 192 -12.40 -6.36 -1.50
CA PRO A 192 -11.19 -6.02 -0.73
C PRO A 192 -10.45 -7.19 -0.09
N PHE A 193 -9.20 -6.93 0.34
CA PHE A 193 -8.37 -7.95 0.95
C PHE A 193 -8.68 -8.13 2.42
N ASP A 194 -9.37 -7.18 3.06
CA ASP A 194 -9.95 -7.51 4.38
C ASP A 194 -11.37 -6.96 4.51
N SER A 195 -11.99 -7.21 5.67
CA SER A 195 -13.40 -6.84 5.86
C SER A 195 -13.55 -5.34 6.07
N THR A 196 -12.43 -4.63 6.21
CA THR A 196 -12.51 -3.21 6.56
C THR A 196 -11.57 -2.29 5.71
N PRO A 197 -11.84 -2.15 4.43
CA PRO A 197 -10.90 -1.45 3.54
C PRO A 197 -10.82 0.06 3.73
N SER A 198 -11.56 0.64 4.68
CA SER A 198 -11.37 2.08 4.98
C SER A 198 -10.74 2.23 6.36
N ASP A 199 -10.49 1.10 7.03
CA ASP A 199 -9.81 1.14 8.35
C ASP A 199 -8.41 0.54 8.27
N PHE A 200 -7.40 1.30 8.67
CA PHE A 200 -6.04 0.81 8.68
C PHE A 200 -5.82 0.01 9.95
N ASP A 201 -6.16 -1.26 9.90
CA ASP A 201 -6.32 -2.08 11.11
C ASP A 201 -5.69 -3.44 10.83
N SER A 202 -5.71 -4.37 11.80
CA SER A 202 -5.02 -5.65 11.63
C SER A 202 -5.94 -6.74 11.04
N GLN A 203 -7.15 -6.40 10.63
CA GLN A 203 -8.02 -7.44 10.14
C GLN A 203 -7.38 -8.18 8.93
N PHE A 204 -6.63 -7.45 8.10
CA PHE A 204 -5.88 -8.12 7.01
C PHE A 204 -4.97 -9.25 7.51
N PHE A 205 -4.22 -9.01 8.59
CA PHE A 205 -3.34 -10.04 9.07
C PHE A 205 -4.09 -11.23 9.68
N VAL A 206 -5.22 -10.96 10.37
CA VAL A 206 -6.06 -12.00 10.91
C VAL A 206 -6.68 -12.79 9.74
N GLU A 207 -7.32 -12.08 8.80
CA GLU A 207 -8.19 -12.81 7.85
C GLU A 207 -7.43 -13.63 6.81
N THR A 208 -6.21 -13.20 6.49
CA THR A 208 -5.33 -13.95 5.60
C THR A 208 -4.83 -15.23 6.27
N LEU A 209 -4.90 -15.30 7.59
CA LEU A 209 -4.57 -16.55 8.32
C LEU A 209 -5.69 -17.57 8.40
N LEU A 210 -6.93 -17.17 8.08
CA LEU A 210 -8.01 -18.15 8.07
C LEU A 210 -7.82 -19.17 6.93
N LYS A 211 -8.37 -20.37 7.13
CA LYS A 211 -8.35 -21.36 6.05
C LYS A 211 -9.13 -20.83 4.87
N GLY A 212 -8.59 -21.02 3.66
CA GLY A 212 -9.35 -20.60 2.47
C GLY A 212 -10.42 -21.64 2.21
N THR A 213 -11.67 -21.22 2.00
CA THR A 213 -12.81 -22.17 1.90
C THR A 213 -13.67 -21.94 0.66
N LEU A 214 -13.57 -20.77 0.06
CA LEU A 214 -14.50 -20.48 -1.00
C LEU A 214 -13.92 -19.81 -2.24
N ILE A 215 -14.56 -20.10 -3.37
CA ILE A 215 -14.21 -19.42 -4.61
C ILE A 215 -15.23 -18.31 -4.84
N PRO A 216 -14.80 -17.04 -4.73
CA PRO A 216 -15.82 -15.98 -4.70
C PRO A 216 -16.53 -15.69 -6.01
N GLY A 217 -15.87 -15.94 -7.14
CA GLY A 217 -16.46 -15.68 -8.44
C GLY A 217 -16.72 -17.01 -9.09
N ASP A 218 -16.54 -17.07 -10.41
CA ASP A 218 -16.85 -18.32 -11.17
C ASP A 218 -15.76 -19.37 -11.05
N SER A 219 -14.54 -18.96 -10.71
CA SER A 219 -13.35 -19.81 -10.81
C SER A 219 -12.23 -19.08 -10.12
N LEU A 220 -11.11 -19.75 -9.84
CA LEU A 220 -9.89 -19.07 -9.41
C LEU A 220 -9.11 -18.56 -10.64
N HIS A 221 -8.15 -17.67 -10.43
CA HIS A 221 -7.44 -17.04 -11.54
C HIS A 221 -5.99 -16.91 -11.12
N LYS A 222 -5.11 -16.65 -12.08
CA LYS A 222 -3.67 -16.59 -11.81
C LYS A 222 -3.35 -15.51 -10.77
N GLY A 223 -2.76 -15.94 -9.65
CA GLY A 223 -2.48 -15.00 -8.56
C GLY A 223 -3.46 -14.99 -7.44
N GLN A 224 -4.62 -15.64 -7.61
CA GLN A 224 -5.67 -15.72 -6.59
C GLN A 224 -5.64 -17.12 -5.91
N VAL A 225 -6.06 -17.20 -4.64
CA VAL A 225 -6.41 -18.49 -4.01
C VAL A 225 -7.79 -18.35 -3.34
N LYS A 226 -8.34 -19.43 -2.79
CA LYS A 226 -9.65 -19.31 -2.08
C LYS A 226 -9.66 -18.28 -0.94
N SER A 227 -10.84 -17.69 -0.77
CA SER A 227 -11.09 -16.68 0.24
C SER A 227 -11.67 -17.35 1.45
N PRO A 228 -11.55 -16.72 2.61
CA PRO A 228 -12.13 -17.33 3.81
C PRO A 228 -13.53 -16.81 4.11
N LEU A 229 -13.98 -15.78 3.42
CA LEU A 229 -15.21 -15.09 3.80
C LEU A 229 -15.86 -14.56 2.53
N PRO A 230 -17.19 -14.60 2.45
CA PRO A 230 -17.83 -14.00 1.28
C PRO A 230 -17.55 -12.50 1.10
N GLY A 231 -17.27 -12.10 -0.14
CA GLY A 231 -17.01 -10.70 -0.42
C GLY A 231 -15.54 -10.32 -0.31
N GLU A 232 -14.73 -11.20 0.29
CA GLU A 232 -13.27 -10.94 0.39
C GLU A 232 -12.51 -11.56 -0.81
N PHE A 233 -11.31 -11.06 -1.09
CA PHE A 233 -10.49 -11.60 -2.15
C PHE A 233 -9.18 -11.90 -1.47
N ARG A 234 -8.55 -13.01 -1.87
CA ARG A 234 -7.23 -13.40 -1.35
C ARG A 234 -6.20 -13.66 -2.43
N LEU A 235 -5.03 -13.08 -2.23
CA LEU A 235 -3.90 -13.19 -3.16
C LEU A 235 -3.02 -14.38 -2.72
N GLN A 236 -2.54 -15.09 -3.72
CA GLN A 236 -1.64 -16.22 -3.54
C GLN A 236 -0.43 -15.83 -2.70
N SER A 237 0.13 -14.67 -3.00
CA SER A 237 1.34 -14.21 -2.28
C SER A 237 1.04 -13.94 -0.83
N ASP A 238 -0.10 -13.33 -0.52
CA ASP A 238 -0.40 -12.95 0.87
C ASP A 238 -0.61 -14.21 1.67
N GLU A 239 -1.30 -15.19 1.09
CA GLU A 239 -1.47 -16.46 1.78
C GLU A 239 -0.12 -17.11 2.15
N LEU A 240 0.78 -17.16 1.20
CA LEU A 240 2.09 -17.79 1.37
C LEU A 240 2.91 -16.98 2.36
N LEU A 241 2.89 -15.66 2.26
CA LEU A 241 3.73 -14.88 3.19
C LEU A 241 3.28 -15.06 4.62
N ALA A 242 1.96 -15.15 4.84
CA ALA A 242 1.45 -15.32 6.19
C ALA A 242 1.92 -16.63 6.86
N ARG A 243 2.20 -17.66 6.06
CA ARG A 243 2.48 -19.01 6.57
C ARG A 243 3.98 -19.41 6.49
N ASP A 244 4.77 -18.64 5.73
CA ASP A 244 6.18 -18.99 5.47
C ASP A 244 7.03 -18.64 6.67
N SER A 245 7.93 -19.54 7.09
CA SER A 245 8.68 -19.36 8.36
C SER A 245 9.54 -18.09 8.32
N ARG A 246 9.88 -17.58 7.13
CA ARG A 246 10.68 -16.33 7.04
C ARG A 246 9.92 -15.07 7.42
N THR A 247 8.59 -15.14 7.31
CA THR A 247 7.72 -13.97 7.52
C THR A 247 6.56 -14.19 8.49
N SER A 248 6.28 -15.44 8.90
CA SER A 248 5.04 -15.70 9.62
C SER A 248 4.98 -15.11 11.03
N CYS A 249 6.13 -15.02 11.71
CA CYS A 249 6.06 -14.45 13.08
C CYS A 249 5.78 -12.95 13.06
N GLU A 250 6.40 -12.23 12.15
CA GLU A 250 6.14 -10.79 12.02
C GLU A 250 4.69 -10.55 11.56
N TRP A 251 4.19 -11.38 10.65
CA TRP A 251 2.78 -11.25 10.22
C TRP A 251 1.87 -11.28 11.45
N GLN A 252 2.08 -12.30 12.25
CA GLN A 252 1.24 -12.51 13.45
C GLN A 252 1.50 -11.42 14.46
N SER A 253 2.73 -10.87 14.49
CA SER A 253 3.02 -9.78 15.42
C SER A 253 2.13 -8.55 15.28
N PHE A 254 1.55 -8.31 14.10
CA PHE A 254 0.64 -7.17 13.97
C PHE A 254 -0.74 -7.46 14.54
N ILE A 255 -0.97 -8.74 14.85
CA ILE A 255 -2.20 -9.18 15.51
C ILE A 255 -2.01 -9.19 17.04
N SER A 256 -0.83 -9.63 17.46
CA SER A 256 -0.43 -9.70 18.88
C SER A 256 -0.16 -8.31 19.44
N ASN A 257 0.36 -7.42 18.59
CA ASN A 257 0.67 -6.03 19.01
C ASN A 257 0.18 -5.00 17.98
N PRO A 258 -1.13 -4.77 17.89
CA PRO A 258 -1.66 -3.93 16.81
C PRO A 258 -1.12 -2.51 16.82
N ASN A 259 -0.76 -2.04 18.01
CA ASN A 259 -0.23 -0.69 18.08
C ASN A 259 1.02 -0.53 17.22
N SER A 260 1.70 -1.64 16.93
CA SER A 260 2.99 -1.51 16.25
C SER A 260 2.83 -1.32 14.75
N MET A 261 1.63 -1.53 14.20
CA MET A 261 1.45 -1.54 12.73
C MET A 261 1.71 -0.15 12.08
N VAL A 262 1.18 0.91 12.68
CA VAL A 262 1.37 2.25 12.15
C VAL A 262 2.86 2.67 12.20
N PRO A 263 3.53 2.52 13.35
CA PRO A 263 4.94 2.95 13.28
C PRO A 263 5.83 2.16 12.34
N LYS A 264 5.67 0.82 12.30
CA LYS A 264 6.51 0.01 11.40
C LYS A 264 6.21 0.32 9.92
N PHE A 265 4.92 0.50 9.60
CA PHE A 265 4.53 0.93 8.26
C PHE A 265 5.10 2.32 7.95
N GLU A 266 5.00 3.27 8.91
CA GLU A 266 5.50 4.60 8.64
C GLU A 266 7.01 4.56 8.36
N ARG A 267 7.74 3.73 9.09
CA ARG A 267 9.19 3.71 8.88
C ARG A 267 9.58 3.07 7.55
N ALA A 268 8.85 2.06 7.14
CA ALA A 268 9.20 1.37 5.92
C ALA A 268 8.82 2.20 4.70
N MET A 269 7.69 2.90 4.77
CA MET A 269 7.28 3.81 3.71
C MET A 269 8.19 5.03 3.55
N ALA A 270 8.70 5.59 4.64
CA ALA A 270 9.63 6.68 4.50
C ALA A 270 10.83 6.23 3.65
N LYS A 271 11.29 5.00 3.86
CA LYS A 271 12.36 4.41 3.06
C LYS A 271 11.93 4.15 1.62
N MET A 272 10.76 3.55 1.45
CA MET A 272 10.28 3.30 0.12
C MET A 272 10.14 4.57 -0.71
N ALA A 273 9.63 5.63 -0.06
CA ALA A 273 9.34 6.89 -0.73
C ALA A 273 10.61 7.55 -1.19
N THR A 274 11.74 7.09 -0.65
CA THR A 274 13.00 7.74 -1.01
C THR A 274 14.00 6.84 -1.76
N LEU A 275 13.53 5.72 -2.29
CA LEU A 275 14.39 4.87 -3.11
C LEU A 275 14.94 5.68 -4.27
N GLY A 276 16.27 5.64 -4.45
CA GLY A 276 16.93 6.33 -5.54
C GLY A 276 17.07 7.84 -5.28
N GLN A 277 16.80 8.23 -4.02
CA GLN A 277 16.90 9.64 -3.65
C GLN A 277 17.84 9.79 -2.47
N ASN A 278 18.35 11.01 -2.32
CA ASN A 278 19.09 11.40 -1.11
C ASN A 278 18.29 12.42 -0.30
N PRO A 279 17.78 12.00 0.87
CA PRO A 279 16.92 12.82 1.76
C PRO A 279 17.54 14.15 2.17
N LYS A 280 18.86 14.16 2.31
CA LYS A 280 19.56 15.35 2.72
C LYS A 280 19.57 16.35 1.58
N LYS A 281 19.23 15.88 0.36
CA LYS A 281 19.06 16.80 -0.77
C LYS A 281 17.59 17.18 -1.10
N LEU A 282 16.65 16.67 -0.32
CA LEU A 282 15.25 17.07 -0.43
C LEU A 282 14.88 17.96 0.76
N ILE A 283 13.62 18.37 0.85
CA ILE A 283 13.20 19.25 1.92
C ILE A 283 12.05 18.61 2.65
N ASP A 284 11.92 18.86 3.95
CA ASP A 284 10.92 18.16 4.75
C ASP A 284 9.60 18.91 4.86
N CYS A 285 8.56 18.38 4.18
CA CYS A 285 7.24 18.99 4.16
C CYS A 285 6.22 18.13 4.93
N SER A 286 6.72 17.37 5.91
CA SER A 286 5.89 16.42 6.63
C SER A 286 4.70 17.05 7.36
N GLU A 287 4.87 18.26 7.89
CA GLU A 287 3.77 18.90 8.64
C GLU A 287 2.50 19.20 7.81
N VAL A 288 2.61 19.10 6.49
CA VAL A 288 1.46 19.28 5.60
C VAL A 288 0.54 18.05 5.64
N ILE A 289 1.09 16.88 5.94
CA ILE A 289 0.26 15.65 5.94
C ILE A 289 -0.73 15.70 7.10
N PRO A 290 -2.03 15.49 6.85
CA PRO A 290 -2.91 15.68 8.02
C PRO A 290 -2.63 14.63 9.13
N VAL A 291 -3.00 14.96 10.35
CA VAL A 291 -2.95 14.01 11.47
C VAL A 291 -4.12 13.02 11.29
N PRO A 292 -3.82 11.72 11.33
CA PRO A 292 -4.89 10.72 11.19
C PRO A 292 -5.76 10.66 12.44
N ARG A 293 -6.97 10.15 12.26
CA ARG A 293 -7.93 10.09 13.31
C ARG A 293 -8.36 8.62 13.46
N GLY A 294 -8.76 8.25 14.68
CA GLY A 294 -9.23 6.89 14.92
C GLY A 294 -8.35 6.08 15.87
N ARG A 295 -8.98 5.40 16.82
CA ARG A 295 -8.21 4.58 17.78
C ARG A 295 -7.64 3.33 17.14
N VAL A 296 -6.65 2.73 17.80
CA VAL A 296 -6.17 1.43 17.40
C VAL A 296 -7.25 0.44 17.78
N LYS A 297 -7.77 -0.25 16.78
CA LYS A 297 -8.85 -1.22 17.01
C LYS A 297 -8.36 -2.58 17.49
N GLN A 298 -9.12 -3.19 18.40
CA GLN A 298 -8.89 -4.62 18.74
C GLN A 298 -9.16 -5.57 17.55
N PRO A 299 -8.14 -6.33 17.15
CA PRO A 299 -8.41 -7.35 16.12
C PRO A 299 -9.40 -8.42 16.61
N THR A 300 -10.30 -8.85 15.73
CA THR A 300 -11.26 -9.88 16.10
C THR A 300 -11.41 -10.92 14.99
N LEU A 301 -11.84 -12.10 15.42
CA LEU A 301 -12.21 -13.17 14.52
C LEU A 301 -13.60 -12.86 13.95
N PRO A 302 -13.79 -13.05 12.63
CA PRO A 302 -15.09 -12.76 12.00
C PRO A 302 -16.21 -13.62 12.56
N ALA A 303 -17.43 -13.12 12.49
CA ALA A 303 -18.58 -13.86 12.96
C ALA A 303 -18.58 -15.25 12.31
N GLY A 304 -18.90 -16.28 13.09
CA GLY A 304 -18.96 -17.64 12.56
C GLY A 304 -17.63 -18.35 12.35
N LYS A 305 -16.52 -17.69 12.67
CA LYS A 305 -15.20 -18.34 12.62
C LYS A 305 -14.75 -18.65 14.04
N THR A 306 -13.83 -19.61 14.20
CA THR A 306 -13.20 -19.83 15.52
C THR A 306 -11.69 -19.98 15.37
N ILE A 307 -11.01 -20.19 16.51
CA ILE A 307 -9.56 -20.37 16.49
C ILE A 307 -9.18 -21.60 15.67
N LYS A 308 -10.09 -22.57 15.58
CA LYS A 308 -9.79 -23.74 14.75
C LYS A 308 -9.65 -23.42 13.28
N ASP A 309 -10.24 -22.31 12.85
CA ASP A 309 -10.15 -21.88 11.47
C ASP A 309 -8.86 -21.14 11.11
N ILE A 310 -8.04 -20.90 12.12
CA ILE A 310 -6.79 -20.16 11.90
C ILE A 310 -5.68 -21.16 11.72
N GLU A 311 -4.89 -20.95 10.66
CA GLU A 311 -3.72 -21.78 10.38
C GLU A 311 -2.52 -21.09 10.98
N ALA A 312 -2.35 -21.27 12.29
CA ALA A 312 -1.27 -20.60 13.01
C ALA A 312 0.07 -21.11 12.50
N SER A 313 0.98 -20.19 12.24
CA SER A 313 2.18 -20.49 11.46
C SER A 313 3.49 -19.98 12.05
N CYS A 314 3.43 -19.45 13.27
CA CYS A 314 4.63 -18.95 13.93
C CYS A 314 4.93 -19.90 15.08
N ARG A 315 5.97 -20.70 14.94
CA ARG A 315 6.23 -21.79 15.85
C ARG A 315 6.61 -21.27 17.24
N LYS A 316 7.30 -20.13 17.33
CA LYS A 316 7.76 -19.68 18.65
C LYS A 316 6.61 -19.13 19.54
N ALA A 317 5.49 -18.73 18.95
CA ALA A 317 4.51 -18.00 19.73
C ALA A 317 3.09 -18.27 19.27
N PRO A 318 2.23 -18.72 20.18
CA PRO A 318 0.84 -19.08 19.85
C PRO A 318 0.01 -17.87 19.43
N PHE A 319 -0.99 -18.14 18.63
CA PHE A 319 -1.83 -17.08 18.09
C PHE A 319 -2.56 -16.48 19.30
N PRO A 320 -2.69 -15.15 19.33
CA PRO A 320 -3.30 -14.50 20.50
C PRO A 320 -4.80 -14.84 20.64
N ARG A 321 -5.31 -14.74 21.85
CA ARG A 321 -6.74 -14.89 22.07
C ARG A 321 -7.45 -13.59 21.63
N LEU A 322 -8.36 -13.73 20.68
CA LEU A 322 -9.07 -12.57 20.15
C LEU A 322 -10.53 -12.74 20.47
N PRO A 323 -11.27 -11.62 20.60
CA PRO A 323 -12.73 -11.75 20.66
C PRO A 323 -13.26 -12.27 19.34
N THR A 324 -14.47 -12.82 19.33
CA THR A 324 -15.09 -13.18 18.04
C THR A 324 -16.33 -12.31 17.89
N ASP A 325 -16.55 -11.78 16.69
CA ASP A 325 -17.78 -11.00 16.45
C ASP A 325 -19.02 -11.87 16.67
N LYS A 326 -20.03 -11.29 17.30
CA LYS A 326 -21.26 -12.03 17.52
C LYS A 326 -22.05 -12.27 16.24
N GLY A 327 -22.87 -13.33 16.27
CA GLY A 327 -23.87 -13.58 15.24
C GLY A 327 -23.41 -14.27 13.97
N THR A 328 -24.05 -13.93 12.85
CA THR A 328 -23.71 -14.49 11.54
C THR A 328 -22.99 -13.45 10.70
N PHE A 329 -22.16 -13.94 9.81
CA PHE A 329 -21.32 -13.07 9.02
C PHE A 329 -22.13 -12.44 7.90
N THR A 330 -21.83 -11.18 7.61
CA THR A 330 -22.44 -10.52 6.47
C THR A 330 -21.40 -10.35 5.38
N SER A 331 -21.74 -10.73 4.16
CA SER A 331 -20.83 -10.58 3.02
C SER A 331 -20.25 -9.17 2.97
N ILE A 332 -18.93 -9.06 2.84
CA ILE A 332 -18.26 -7.76 2.67
C ILE A 332 -18.63 -7.00 1.38
N LEU A 333 -18.96 -5.71 1.46
CA LEU A 333 -19.30 -4.91 0.26
C LEU A 333 -18.10 -4.60 -0.64
N PRO A 334 -18.29 -4.64 -1.98
CA PRO A 334 -17.13 -4.11 -2.72
C PRO A 334 -16.89 -2.64 -2.36
N VAL A 335 -15.64 -2.20 -2.42
CA VAL A 335 -15.34 -0.79 -2.31
C VAL A 335 -16.09 0.04 -3.37
N PRO A 336 -16.74 1.13 -2.97
CA PRO A 336 -17.43 1.88 -4.03
C PRO A 336 -16.60 2.59 -5.09
N SER A 337 -17.32 2.77 -6.22
CA SER A 337 -17.50 4.06 -6.88
C SER A 337 -17.02 4.34 -8.31
N SER A 338 -16.65 5.59 -8.53
CA SER A 338 -16.88 6.19 -9.82
C SER A 338 -15.76 7.09 -10.26
CA CA B . 10.08 4.76 -10.73
CA CA C . -8.64 -2.94 7.10
CHA HEM D . -3.39 -4.11 -4.58
CHB HEM D . 0.11 -7.46 -5.02
CHC HEM D . 3.03 -4.98 -2.11
CHD HEM D . -0.29 -1.37 -1.93
C1A HEM D . -2.64 -5.17 -5.00
C2A HEM D . -3.09 -6.13 -6.00
C3A HEM D . -2.13 -7.06 -6.10
C4A HEM D . -1.02 -6.74 -5.22
CMA HEM D . -2.12 -8.25 -7.08
CAA HEM D . -4.43 -6.02 -6.80
CBA HEM D . -4.29 -5.09 -8.01
CGA HEM D . -5.56 -5.17 -8.86
O1A HEM D . -6.33 -4.16 -8.91
O2A HEM D . -5.84 -6.24 -9.46
C1B HEM D . 1.16 -7.07 -4.23
C2B HEM D . 2.35 -7.86 -4.14
C3B HEM D . 3.17 -7.23 -3.29
C4B HEM D . 2.52 -5.99 -2.87
CMB HEM D . 2.59 -9.24 -4.83
CAB HEM D . 4.56 -7.74 -2.89
CBB HEM D . 5.07 -7.41 -1.70
C1C HEM D . 2.39 -3.77 -1.96
C2C HEM D . 3.01 -2.62 -1.35
C3C HEM D . 2.13 -1.64 -1.32
C4C HEM D . 0.89 -2.10 -1.84
CMC HEM D . 4.49 -2.59 -0.90
CAC HEM D . 2.23 -0.19 -0.76
CBC HEM D . 3.00 0.20 0.26
C1D HEM D . -1.44 -1.86 -2.51
C2D HEM D . -2.72 -1.19 -2.40
C3D HEM D . -3.68 -2.03 -3.20
C4D HEM D . -2.91 -3.11 -3.74
CMD HEM D . -3.05 0.05 -1.55
CAD HEM D . -5.19 -1.68 -3.38
CBD HEM D . -5.36 -1.06 -4.76
CGD HEM D . -6.81 -0.81 -5.11
O1D HEM D . -7.06 -0.52 -6.33
O2D HEM D . -7.66 -0.85 -4.20
NA HEM D . -1.39 -5.62 -4.52
NB HEM D . 1.27 -5.90 -3.44
NC HEM D . 1.09 -3.39 -2.29
ND HEM D . -1.58 -3.03 -3.32
FE HEM D . -0.25 -4.60 -3.20
S SO4 E . 14.23 21.82 5.45
O1 SO4 E . 13.10 22.70 5.19
O2 SO4 E . 13.91 20.40 5.22
O3 SO4 E . 15.36 22.16 4.60
O4 SO4 E . 14.62 21.99 6.85
S SO4 F . -12.54 -1.35 18.71
O1 SO4 F . -13.79 -1.16 19.45
O2 SO4 F . -12.83 -1.94 17.39
O3 SO4 F . -11.93 -0.02 18.50
O4 SO4 F . -11.62 -2.18 19.46
S SO4 G . -12.29 6.78 17.54
O1 SO4 G . -13.75 6.72 17.44
O2 SO4 G . -11.77 5.51 17.04
O3 SO4 G . -11.84 7.89 16.69
O4 SO4 G . -11.83 7.03 18.90
#